data_3NGF
#
_entry.id   3NGF
#
_cell.length_a   52.980
_cell.length_b   120.640
_cell.length_c   54.680
_cell.angle_alpha   90.00
_cell.angle_beta   117.14
_cell.angle_gamma   90.00
#
_symmetry.space_group_name_H-M   'P 1 21 1'
#
loop_
_entity.id
_entity.type
_entity.pdbx_description
1 polymer 'AP endonuclease, family 2'
2 non-polymer 'MANGANESE (II) ION'
3 non-polymer GLYCEROL
4 water water
#
_entity_poly.entity_id   1
_entity_poly.type   'polypeptide(L)'
_entity_poly.pdbx_seq_one_letter_code
;MAHHHHHHMPRFAANLSTMFNEVPFLERFRLAAEAGFGGVEFLFPYDFDADVIARELKQHNLTQVLFNMPPGDWAAGERG
MAAISGREQEFRDNVDIALHYALALDCRTLHAMSGITEGLDRKACEETFIENFRYAADKLAPHGITVLVEPLNTRNMPGY
FIVHQLEAVGLVKRVNRPNVAVQLDLYHAQIMDGDLTRLIEKMNGAFSHVQIASVPDRHEPDEGELNYPYLFSVLESVGY
RGWVGCEYNPRGKTESGLAWFAPYRDQSA
;
_entity_poly.pdbx_strand_id   A,B
#
loop_
_chem_comp.id
_chem_comp.type
_chem_comp.name
_chem_comp.formula
GOL non-polymer GLYCEROL 'C3 H8 O3'
MN non-polymer 'MANGANESE (II) ION' 'Mn 2'
#
# COMPACT_ATOMS: atom_id res chain seq x y z
N MET A 9 11.77 1.78 -21.19
CA MET A 9 12.42 1.45 -19.88
C MET A 9 12.68 2.73 -19.11
N PRO A 10 12.40 2.73 -17.78
CA PRO A 10 12.77 3.90 -17.00
C PRO A 10 14.25 4.13 -16.93
N ARG A 11 14.64 5.37 -16.65
CA ARG A 11 16.06 5.67 -16.43
C ARG A 11 16.32 5.89 -14.95
N PHE A 12 17.35 5.22 -14.45
CA PHE A 12 17.64 5.17 -13.02
C PHE A 12 18.86 6.02 -12.64
N ALA A 13 18.73 6.69 -11.50
CA ALA A 13 19.78 7.51 -10.93
C ALA A 13 20.23 6.88 -9.61
N ALA A 14 21.53 6.63 -9.46
CA ALA A 14 22.07 6.13 -8.20
C ALA A 14 22.00 7.25 -7.16
N ASN A 15 21.52 6.94 -5.96
CA ASN A 15 21.60 7.89 -4.85
C ASN A 15 22.93 7.73 -4.11
N LEU A 16 23.82 8.72 -4.25
CA LEU A 16 25.18 8.63 -3.69
C LEU A 16 25.26 8.94 -2.19
N SER A 17 24.14 9.33 -1.57
CA SER A 17 24.08 9.49 -0.12
C SER A 17 23.83 8.12 0.51
N THR A 18 23.02 7.28 -0.13
CA THR A 18 22.65 5.96 0.45
C THR A 18 23.39 4.76 -0.19
N MET A 19 23.80 4.90 -1.44
CA MET A 19 24.53 3.83 -2.17
C MET A 19 26.00 4.14 -2.25
N PHE A 20 26.78 3.07 -2.49
CA PHE A 20 28.23 3.17 -2.64
C PHE A 20 28.95 3.74 -1.41
N ASN A 21 28.38 3.52 -0.21
CA ASN A 21 28.96 4.04 1.02
C ASN A 21 30.19 3.26 1.47
N GLU A 22 30.57 2.26 0.68
CA GLU A 22 31.82 1.54 0.87
C GLU A 22 33.02 2.44 0.62
N VAL A 23 32.80 3.55 -0.10
CA VAL A 23 33.85 4.52 -0.38
C VAL A 23 33.39 5.93 0.02
N PRO A 24 34.34 6.87 0.21
CA PRO A 24 33.96 8.26 0.51
C PRO A 24 33.20 8.89 -0.66
N PHE A 25 32.46 9.96 -0.36
CA PHE A 25 31.51 10.57 -1.29
C PHE A 25 32.08 10.84 -2.69
N LEU A 26 33.24 11.48 -2.76
CA LEU A 26 33.76 11.86 -4.08
C LEU A 26 34.08 10.65 -4.98
N GLU A 27 34.42 9.52 -4.36
N GLU A 27 34.41 9.51 -4.39
CA GLU A 27 34.73 8.29 -5.08
CA GLU A 27 34.71 8.32 -5.18
C GLU A 27 33.47 7.59 -5.63
C GLU A 27 33.44 7.62 -5.69
N ARG A 28 32.28 7.99 -5.14
CA ARG A 28 31.02 7.32 -5.50
C ARG A 28 30.58 7.59 -6.93
N PHE A 29 30.98 8.74 -7.48
CA PHE A 29 30.62 9.12 -8.84
C PHE A 29 31.16 8.11 -9.86
N ARG A 30 32.46 7.81 -9.75
CA ARG A 30 33.09 6.80 -10.62
C ARG A 30 32.43 5.42 -10.45
N LEU A 31 32.20 5.01 -9.21
CA LEU A 31 31.59 3.70 -8.99
C LEU A 31 30.16 3.58 -9.60
N ALA A 32 29.37 4.65 -9.51
CA ALA A 32 28.04 4.67 -10.10
C ALA A 32 28.12 4.60 -11.60
N ALA A 33 29.04 5.36 -12.20
CA ALA A 33 29.20 5.31 -13.66
C ALA A 33 29.69 3.93 -14.16
N GLU A 34 30.64 3.32 -13.42
CA GLU A 34 31.15 1.98 -13.79
C GLU A 34 30.09 0.89 -13.63
N ALA A 35 29.11 1.14 -12.76
CA ALA A 35 27.99 0.20 -12.54
C ALA A 35 26.92 0.42 -13.61
N GLY A 36 27.09 1.44 -14.46
CA GLY A 36 26.21 1.71 -15.58
C GLY A 36 25.09 2.69 -15.33
N PHE A 37 25.18 3.47 -14.26
CA PHE A 37 24.22 4.58 -14.06
C PHE A 37 24.65 5.78 -14.91
N GLY A 38 23.69 6.42 -15.56
CA GLY A 38 23.91 7.66 -16.32
C GLY A 38 23.55 8.90 -15.52
N GLY A 39 22.87 8.70 -14.40
CA GLY A 39 22.44 9.80 -13.54
C GLY A 39 22.68 9.51 -12.08
N VAL A 40 22.84 10.58 -11.30
CA VAL A 40 22.97 10.45 -9.86
C VAL A 40 22.11 11.50 -9.12
N GLU A 41 21.84 11.20 -7.87
CA GLU A 41 21.20 12.14 -6.94
C GLU A 41 21.90 12.01 -5.61
N PHE A 42 21.67 12.98 -4.72
CA PHE A 42 22.14 12.87 -3.34
C PHE A 42 21.43 13.95 -2.55
N LEU A 43 21.56 13.97 -1.23
CA LEU A 43 20.82 14.95 -0.43
C LEU A 43 21.47 16.33 -0.50
N PHE A 44 22.69 16.44 0.00
CA PHE A 44 23.32 17.74 0.21
C PHE A 44 24.74 17.83 -0.35
N PRO A 45 24.98 18.76 -1.28
CA PRO A 45 26.33 18.97 -1.79
C PRO A 45 27.15 20.04 -1.05
N TYR A 46 26.57 20.63 0.00
CA TYR A 46 27.03 21.93 0.48
C TYR A 46 28.35 21.88 1.24
N ASP A 47 28.79 20.68 1.66
CA ASP A 47 30.10 20.52 2.31
C ASP A 47 31.23 20.32 1.30
N PHE A 48 30.90 20.37 0.00
CA PHE A 48 31.87 20.26 -1.10
C PHE A 48 31.79 21.46 -2.04
N ASP A 49 32.92 21.79 -2.67
CA ASP A 49 33.02 22.85 -3.70
C ASP A 49 32.16 22.44 -4.92
N ALA A 50 31.26 23.34 -5.34
CA ALA A 50 30.44 23.07 -6.52
C ALA A 50 31.28 22.72 -7.75
N ASP A 51 32.42 23.41 -7.93
CA ASP A 51 33.26 23.15 -9.08
C ASP A 51 33.79 21.68 -9.10
N VAL A 52 34.08 21.14 -7.92
CA VAL A 52 34.60 19.79 -7.78
C VAL A 52 33.49 18.79 -8.17
N ILE A 53 32.29 18.97 -7.63
N ILE A 53 32.28 18.97 -7.64
CA ILE A 53 31.16 18.11 -8.00
CA ILE A 53 31.18 18.09 -8.02
C ILE A 53 30.85 18.23 -9.50
C ILE A 53 30.83 18.22 -9.50
N ALA A 54 30.92 19.43 -10.06
CA ALA A 54 30.72 19.62 -11.53
C ALA A 54 31.72 18.77 -12.33
N ARG A 55 32.97 18.76 -11.88
CA ARG A 55 34.03 17.98 -12.55
C ARG A 55 33.82 16.48 -12.36
N GLU A 56 33.34 16.07 -11.20
CA GLU A 56 32.94 14.66 -11.01
C GLU A 56 31.92 14.21 -12.05
N LEU A 57 30.89 15.02 -12.24
CA LEU A 57 29.84 14.73 -13.23
C LEU A 57 30.36 14.67 -14.65
N LYS A 58 31.22 15.62 -15.01
CA LYS A 58 31.74 15.71 -16.38
C LYS A 58 32.69 14.55 -16.65
N GLN A 59 33.57 14.26 -15.70
CA GLN A 59 34.62 13.28 -15.91
C GLN A 59 34.06 11.86 -16.00
N HIS A 60 32.96 11.65 -15.29
CA HIS A 60 32.33 10.34 -15.23
C HIS A 60 31.03 10.24 -16.06
N ASN A 61 30.78 11.24 -16.90
N ASN A 61 30.78 11.24 -16.91
CA ASN A 61 29.62 11.24 -17.80
CA ASN A 61 29.63 11.27 -17.84
C ASN A 61 28.30 10.97 -17.09
C ASN A 61 28.27 11.04 -17.16
N LEU A 62 28.00 11.83 -16.12
CA LEU A 62 26.81 11.67 -15.28
C LEU A 62 25.97 12.93 -15.29
N THR A 63 24.66 12.76 -15.22
CA THR A 63 23.69 13.84 -15.07
C THR A 63 23.33 13.95 -13.59
N GLN A 64 23.28 15.18 -13.09
CA GLN A 64 22.79 15.44 -11.73
C GLN A 64 21.27 15.59 -11.82
N VAL A 65 20.55 14.62 -11.24
CA VAL A 65 19.09 14.56 -11.41
C VAL A 65 18.35 15.34 -10.33
N LEU A 66 18.90 15.38 -9.13
CA LEU A 66 18.20 15.92 -7.96
C LEU A 66 19.18 16.18 -6.84
N PHE A 67 18.94 17.23 -6.07
CA PHE A 67 19.45 17.32 -4.69
C PHE A 67 18.55 18.26 -3.88
N ASN A 68 18.82 18.34 -2.59
CA ASN A 68 17.97 19.13 -1.69
C ASN A 68 18.54 20.50 -1.43
N MET A 69 17.64 21.45 -1.19
CA MET A 69 18.06 22.74 -0.65
C MET A 69 18.61 22.58 0.79
N PRO A 70 19.38 23.55 1.29
CA PRO A 70 19.92 23.43 2.65
C PRO A 70 18.79 23.15 3.66
N PRO A 71 19.01 22.24 4.60
CA PRO A 71 17.94 21.80 5.52
C PRO A 71 17.85 22.53 6.87
N GLY A 72 18.78 23.45 7.11
CA GLY A 72 18.97 24.04 8.46
C GLY A 72 20.01 23.22 9.23
N ASP A 73 19.87 23.18 10.55
CA ASP A 73 20.83 22.49 11.41
C ASP A 73 20.48 21.00 11.53
N TRP A 74 20.98 20.20 10.60
CA TRP A 74 20.66 18.75 10.54
C TRP A 74 21.10 18.00 11.80
N ALA A 75 22.33 18.25 12.23
CA ALA A 75 22.85 17.68 13.47
C ALA A 75 21.95 17.95 14.67
N ALA A 76 21.30 19.12 14.70
CA ALA A 76 20.36 19.43 15.79
C ALA A 76 18.94 18.90 15.58
N GLY A 77 18.73 18.09 14.54
CA GLY A 77 17.41 17.49 14.27
C GLY A 77 16.54 18.23 13.27
N GLU A 78 17.02 19.33 12.69
CA GLU A 78 16.22 20.08 11.70
C GLU A 78 16.13 19.31 10.37
N ARG A 79 14.93 19.33 9.77
CA ARG A 79 14.63 18.60 8.54
C ARG A 79 13.95 19.54 7.55
N GLY A 80 14.55 20.71 7.34
CA GLY A 80 13.98 21.72 6.44
C GLY A 80 13.27 22.82 7.19
N MET A 81 12.94 23.91 6.50
N MET A 81 12.97 23.93 6.52
CA MET A 81 12.22 25.01 7.13
CA MET A 81 12.18 24.98 7.17
C MET A 81 11.14 25.64 6.27
C MET A 81 11.23 25.71 6.21
N ALA A 82 10.86 25.07 5.10
CA ALA A 82 9.87 25.68 4.16
C ALA A 82 8.51 25.94 4.79
N ALA A 83 8.11 25.12 5.77
CA ALA A 83 6.80 25.27 6.41
C ALA A 83 6.85 25.88 7.82
N ILE A 84 7.97 26.51 8.19
CA ILE A 84 8.11 27.04 9.55
C ILE A 84 8.08 28.56 9.56
N SER A 85 6.97 29.11 10.05
N SER A 85 6.97 29.11 10.05
CA SER A 85 6.81 30.56 10.12
CA SER A 85 6.79 30.56 10.08
C SER A 85 7.97 31.21 10.85
C SER A 85 7.91 31.23 10.87
N GLY A 86 8.44 32.32 10.31
CA GLY A 86 9.54 33.06 10.91
C GLY A 86 10.93 32.77 10.35
N ARG A 87 11.07 31.69 9.58
CA ARG A 87 12.34 31.34 8.97
C ARG A 87 12.40 31.66 7.47
N GLU A 88 11.57 32.59 7.03
CA GLU A 88 11.43 32.87 5.62
C GLU A 88 12.68 33.47 4.99
N GLN A 89 13.32 34.44 5.65
CA GLN A 89 14.53 35.05 5.08
C GLN A 89 15.61 33.98 4.98
N GLU A 90 15.72 33.16 6.01
CA GLU A 90 16.62 32.01 5.99
C GLU A 90 16.35 31.08 4.81
N PHE A 91 15.08 30.70 4.63
CA PHE A 91 14.71 29.89 3.48
C PHE A 91 15.10 30.55 2.14
N ARG A 92 14.81 31.83 2.01
CA ARG A 92 15.13 32.61 0.81
C ARG A 92 16.63 32.67 0.53
N ASP A 93 17.40 32.91 1.57
CA ASP A 93 18.85 32.89 1.43
C ASP A 93 19.36 31.50 1.01
N ASN A 94 18.72 30.46 1.51
CA ASN A 94 19.09 29.08 1.16
C ASN A 94 18.74 28.72 -0.29
N VAL A 95 17.74 29.39 -0.84
CA VAL A 95 17.45 29.21 -2.26
C VAL A 95 18.59 29.68 -3.14
N ASP A 96 19.21 30.81 -2.79
N ASP A 96 19.23 30.80 -2.80
CA ASP A 96 20.37 31.34 -3.51
CA ASP A 96 20.34 31.30 -3.60
C ASP A 96 21.50 30.34 -3.55
C ASP A 96 21.55 30.35 -3.55
N ILE A 97 21.76 29.73 -2.39
CA ILE A 97 22.82 28.76 -2.22
C ILE A 97 22.53 27.52 -3.07
N ALA A 98 21.30 27.01 -2.96
CA ALA A 98 20.87 25.87 -3.79
C ALA A 98 20.98 26.16 -5.31
N LEU A 99 20.58 27.36 -5.72
CA LEU A 99 20.64 27.82 -7.13
C LEU A 99 22.08 27.84 -7.63
N HIS A 100 23.00 28.37 -6.84
CA HIS A 100 24.44 28.36 -7.18
C HIS A 100 24.92 26.96 -7.54
N TYR A 101 24.60 25.98 -6.68
CA TYR A 101 24.96 24.62 -6.96
C TYR A 101 24.19 24.02 -8.13
N ALA A 102 22.91 24.32 -8.24
CA ALA A 102 22.11 23.81 -9.36
C ALA A 102 22.63 24.29 -10.72
N LEU A 103 23.03 25.55 -10.81
CA LEU A 103 23.61 26.02 -12.07
C LEU A 103 24.96 25.36 -12.35
N ALA A 104 25.82 25.26 -11.34
CA ALA A 104 27.10 24.56 -11.49
C ALA A 104 27.01 23.13 -11.97
N LEU A 105 26.01 22.41 -11.47
CA LEU A 105 25.81 21.00 -11.77
C LEU A 105 24.81 20.73 -12.91
N ASP A 106 24.32 21.80 -13.56
CA ASP A 106 23.25 21.74 -14.57
C ASP A 106 22.06 20.85 -14.10
N CYS A 107 21.64 21.06 -12.85
CA CYS A 107 20.55 20.27 -12.25
C CYS A 107 19.28 21.07 -12.39
N ARG A 108 18.24 20.40 -12.89
N ARG A 108 18.22 20.42 -12.86
CA ARG A 108 16.96 21.00 -13.24
CA ARG A 108 16.98 21.10 -13.16
C ARG A 108 15.87 20.82 -12.16
C ARG A 108 15.86 20.80 -12.17
N THR A 109 16.19 20.10 -11.07
CA THR A 109 15.17 19.71 -10.07
C THR A 109 15.76 19.77 -8.66
N LEU A 110 15.07 20.46 -7.75
CA LEU A 110 15.53 20.64 -6.38
C LEU A 110 14.39 20.32 -5.43
N HIS A 111 14.70 19.59 -4.36
CA HIS A 111 13.74 19.29 -3.30
C HIS A 111 13.89 20.32 -2.16
N ALA A 112 12.84 21.05 -1.87
CA ALA A 112 12.80 21.96 -0.72
C ALA A 112 12.11 21.26 0.45
N MET A 113 12.88 20.95 1.49
CA MET A 113 12.36 20.28 2.68
C MET A 113 11.52 21.25 3.53
N SER A 114 10.52 20.69 4.21
CA SER A 114 9.50 21.50 4.90
C SER A 114 9.71 21.69 6.40
N GLY A 115 10.32 20.70 7.06
CA GLY A 115 10.58 20.78 8.49
C GLY A 115 9.67 19.89 9.29
N ILE A 116 10.06 19.67 10.54
CA ILE A 116 9.21 19.06 11.56
C ILE A 116 8.29 20.17 12.10
N THR A 117 6.99 20.03 11.88
CA THR A 117 5.98 21.04 12.22
C THR A 117 4.98 20.61 13.31
N GLU A 118 5.19 19.42 13.88
N GLU A 118 5.19 19.43 13.88
CA GLU A 118 4.37 18.95 14.99
CA GLU A 118 4.36 18.95 14.97
C GLU A 118 4.41 19.98 16.12
C GLU A 118 4.40 19.95 16.13
N GLY A 119 3.25 20.31 16.66
CA GLY A 119 3.15 21.32 17.73
C GLY A 119 3.09 22.76 17.25
N LEU A 120 3.19 22.97 15.94
CA LEU A 120 2.97 24.29 15.36
C LEU A 120 1.54 24.37 14.82
N ASP A 121 1.05 25.60 14.65
CA ASP A 121 -0.28 25.82 14.07
C ASP A 121 -0.29 25.42 12.58
N ARG A 122 -1.17 24.48 12.22
CA ARG A 122 -1.17 23.90 10.87
C ARG A 122 -1.41 24.96 9.80
N LYS A 123 -2.36 25.85 10.02
CA LYS A 123 -2.68 26.88 9.04
C LYS A 123 -1.48 27.81 8.80
N ALA A 124 -0.78 28.21 9.86
CA ALA A 124 0.42 29.06 9.72
C ALA A 124 1.48 28.32 8.90
N CYS A 125 1.62 27.03 9.16
CA CYS A 125 2.62 26.24 8.45
C CYS A 125 2.35 26.13 6.95
N GLU A 126 1.09 25.86 6.63
CA GLU A 126 0.67 25.75 5.23
C GLU A 126 0.81 27.08 4.51
N GLU A 127 0.46 28.17 5.19
CA GLU A 127 0.63 29.52 4.64
C GLU A 127 2.09 29.83 4.34
N THR A 128 2.97 29.44 5.26
CA THR A 128 4.40 29.71 5.11
C THR A 128 5.00 28.85 4.00
N PHE A 129 4.55 27.60 3.94
CA PHE A 129 4.90 26.69 2.83
C PHE A 129 4.60 27.33 1.47
N ILE A 130 3.38 27.86 1.32
CA ILE A 130 2.95 28.48 0.06
C ILE A 130 3.84 29.68 -0.29
N GLU A 131 4.09 30.54 0.69
CA GLU A 131 4.92 31.70 0.41
C GLU A 131 6.31 31.29 -0.01
N ASN A 132 6.87 30.32 0.71
CA ASN A 132 8.26 29.90 0.44
C ASN A 132 8.43 29.20 -0.91
N PHE A 133 7.48 28.32 -1.21
CA PHE A 133 7.45 27.61 -2.49
C PHE A 133 7.20 28.57 -3.63
N ARG A 134 6.33 29.56 -3.45
CA ARG A 134 6.18 30.57 -4.50
C ARG A 134 7.46 31.35 -4.77
N TYR A 135 8.16 31.75 -3.69
CA TYR A 135 9.44 32.47 -3.82
C TYR A 135 10.43 31.59 -4.57
N ALA A 136 10.55 30.33 -4.17
CA ALA A 136 11.51 29.44 -4.81
C ALA A 136 11.17 29.25 -6.29
N ALA A 137 9.88 29.06 -6.58
CA ALA A 137 9.41 28.87 -7.95
C ALA A 137 9.80 30.07 -8.77
N ASP A 138 9.60 31.26 -8.21
CA ASP A 138 9.84 32.50 -8.98
C ASP A 138 11.32 32.73 -9.26
N LYS A 139 12.17 32.35 -8.30
CA LYS A 139 13.61 32.50 -8.43
C LYS A 139 14.19 31.46 -9.37
N LEU A 140 13.59 30.27 -9.38
CA LEU A 140 14.10 29.15 -10.19
C LEU A 140 13.59 29.13 -11.64
N ALA A 141 12.41 29.70 -11.89
CA ALA A 141 11.77 29.66 -13.23
C ALA A 141 12.65 30.23 -14.35
N PRO A 142 13.41 31.31 -14.09
CA PRO A 142 14.28 31.87 -15.13
C PRO A 142 15.34 30.89 -15.64
N HIS A 143 15.64 29.90 -14.82
CA HIS A 143 16.64 28.88 -15.08
C HIS A 143 16.07 27.51 -15.45
N GLY A 144 14.74 27.44 -15.59
CA GLY A 144 14.07 26.23 -15.97
C GLY A 144 14.16 25.16 -14.89
N ILE A 145 14.34 25.59 -13.64
CA ILE A 145 14.48 24.65 -12.51
C ILE A 145 13.15 24.48 -11.80
N THR A 146 12.81 23.23 -11.48
CA THR A 146 11.58 22.89 -10.76
C THR A 146 11.91 22.62 -9.28
N VAL A 147 11.05 23.08 -8.37
CA VAL A 147 11.17 22.79 -6.94
C VAL A 147 10.12 21.77 -6.54
N LEU A 148 10.53 20.78 -5.74
CA LEU A 148 9.63 19.71 -5.34
C LEU A 148 9.36 19.67 -3.86
N VAL A 149 8.16 19.17 -3.55
CA VAL A 149 7.78 18.79 -2.19
C VAL A 149 7.74 17.27 -2.16
N GLU A 150 8.35 16.68 -1.13
CA GLU A 150 8.40 15.21 -0.98
C GLU A 150 7.68 14.75 0.28
N PRO A 151 6.50 14.14 0.12
CA PRO A 151 5.89 13.47 1.29
C PRO A 151 6.80 12.37 1.83
N LEU A 152 6.94 12.34 3.15
CA LEU A 152 7.74 11.33 3.82
C LEU A 152 6.78 10.32 4.51
N ASN A 153 7.24 9.62 5.52
CA ASN A 153 6.34 8.77 6.30
C ASN A 153 6.59 9.01 7.78
N THR A 154 5.60 8.66 8.61
CA THR A 154 5.60 9.01 10.03
C THR A 154 6.39 8.03 10.90
N ARG A 155 6.82 6.91 10.31
CA ARG A 155 7.67 5.99 11.00
C ARG A 155 9.10 6.45 10.94
N ASN A 156 9.55 6.79 9.73
CA ASN A 156 10.92 7.28 9.55
C ASN A 156 11.12 8.75 9.89
N MET A 157 10.09 9.59 9.73
CA MET A 157 10.20 11.03 10.02
C MET A 157 8.99 11.53 10.82
N PRO A 158 8.86 11.07 12.09
CA PRO A 158 7.70 11.49 12.86
C PRO A 158 7.65 13.01 13.01
N GLY A 159 6.46 13.59 12.85
CA GLY A 159 6.26 15.03 13.02
C GLY A 159 6.57 15.86 11.79
N TYR A 160 6.98 15.20 10.71
CA TYR A 160 7.22 15.91 9.44
C TYR A 160 5.94 16.54 8.89
N PHE A 161 6.12 17.70 8.28
CA PHE A 161 5.02 18.51 7.75
C PHE A 161 4.08 17.78 6.80
N ILE A 162 4.64 17.02 5.85
CA ILE A 162 3.84 16.45 4.76
C ILE A 162 4.19 14.98 4.56
N VAL A 163 3.18 14.12 4.73
CA VAL A 163 3.37 12.66 4.69
C VAL A 163 2.31 11.93 3.84
N HIS A 164 1.48 12.69 3.09
CA HIS A 164 0.47 12.07 2.21
C HIS A 164 0.55 12.66 0.80
N GLN A 165 0.47 11.78 -0.19
CA GLN A 165 0.67 12.20 -1.61
C GLN A 165 -0.38 13.15 -2.18
N LEU A 166 -1.66 12.81 -2.09
CA LEU A 166 -2.69 13.66 -2.69
C LEU A 166 -2.81 14.98 -1.90
N GLU A 167 -2.51 14.95 -0.61
CA GLU A 167 -2.48 16.17 0.20
C GLU A 167 -1.40 17.10 -0.36
N ALA A 168 -0.27 16.52 -0.75
CA ALA A 168 0.84 17.32 -1.33
C ALA A 168 0.42 17.89 -2.69
N VAL A 169 -0.27 17.09 -3.50
CA VAL A 169 -0.81 17.59 -4.78
C VAL A 169 -1.72 18.79 -4.55
N GLY A 170 -2.55 18.70 -3.53
CA GLY A 170 -3.42 19.82 -3.13
C GLY A 170 -2.65 21.04 -2.71
N LEU A 171 -1.58 20.87 -1.95
CA LEU A 171 -0.77 22.01 -1.53
C LEU A 171 -0.09 22.67 -2.73
N VAL A 172 0.40 21.85 -3.65
CA VAL A 172 0.98 22.38 -4.88
C VAL A 172 -0.01 23.19 -5.75
N LYS A 173 -1.27 22.76 -5.81
N LYS A 173 -1.27 22.76 -5.79
CA LYS A 173 -2.29 23.52 -6.52
CA LYS A 173 -2.30 23.51 -6.51
C LYS A 173 -2.48 24.91 -5.89
C LYS A 173 -2.49 24.90 -5.89
N ARG A 174 -2.42 24.97 -4.57
CA ARG A 174 -2.53 26.26 -3.87
C ARG A 174 -1.34 27.16 -4.16
N VAL A 175 -0.15 26.56 -4.32
CA VAL A 175 1.09 27.32 -4.66
C VAL A 175 0.92 28.02 -6.01
N ASN A 176 0.33 27.30 -6.98
CA ASN A 176 -0.08 27.87 -8.26
C ASN A 176 1.13 28.39 -9.04
N ARG A 177 2.12 27.51 -9.24
CA ARG A 177 3.30 27.81 -10.04
C ARG A 177 3.63 26.58 -10.88
N PRO A 178 3.83 26.78 -12.20
CA PRO A 178 4.03 25.59 -13.06
C PRO A 178 5.31 24.80 -12.78
N ASN A 179 6.35 25.47 -12.29
CA ASN A 179 7.62 24.78 -11.96
C ASN A 179 7.68 24.30 -10.48
N VAL A 180 6.55 23.80 -9.99
CA VAL A 180 6.47 23.17 -8.67
C VAL A 180 5.73 21.86 -8.89
N ALA A 181 6.22 20.78 -8.25
CA ALA A 181 5.57 19.47 -8.33
C ALA A 181 5.90 18.61 -7.13
N VAL A 182 5.40 17.39 -7.15
CA VAL A 182 5.61 16.42 -6.09
C VAL A 182 6.77 15.48 -6.45
N GLN A 183 7.57 15.16 -5.44
CA GLN A 183 8.57 14.11 -5.52
C GLN A 183 7.93 12.84 -4.94
N LEU A 184 7.66 11.88 -5.80
CA LEU A 184 6.93 10.64 -5.43
C LEU A 184 7.92 9.52 -5.11
N ASP A 185 8.22 9.36 -3.82
CA ASP A 185 9.06 8.27 -3.32
C ASP A 185 8.09 7.12 -2.96
N LEU A 186 8.19 6.03 -3.73
CA LEU A 186 7.17 4.98 -3.64
C LEU A 186 7.28 4.21 -2.34
N TYR A 187 8.47 4.25 -1.75
CA TYR A 187 8.68 3.69 -0.42
C TYR A 187 7.75 4.43 0.60
N HIS A 188 7.81 5.76 0.58
CA HIS A 188 6.98 6.55 1.48
C HIS A 188 5.48 6.41 1.12
N ALA A 189 5.16 6.38 -0.17
CA ALA A 189 3.77 6.31 -0.65
C ALA A 189 3.16 4.98 -0.24
N GLN A 190 3.94 3.90 -0.32
CA GLN A 190 3.42 2.59 0.09
C GLN A 190 3.15 2.47 1.60
N ILE A 191 4.00 3.08 2.42
CA ILE A 191 3.89 3.06 3.87
C ILE A 191 2.69 3.88 4.34
N MET A 192 2.49 5.06 3.74
CA MET A 192 1.44 6.01 4.20
C MET A 192 0.08 5.89 3.50
N ASP A 193 0.09 5.55 2.21
CA ASP A 193 -1.11 5.69 1.36
C ASP A 193 -1.57 4.38 0.70
N GLY A 194 -0.64 3.64 0.11
CA GLY A 194 -0.97 2.46 -0.66
C GLY A 194 -1.65 2.75 -1.99
N ASP A 195 -2.31 1.74 -2.56
CA ASP A 195 -3.06 1.87 -3.84
C ASP A 195 -2.21 2.57 -4.91
N LEU A 196 -1.01 2.05 -5.13
CA LEU A 196 0.00 2.81 -5.87
C LEU A 196 -0.28 2.95 -7.35
N THR A 197 -0.84 1.93 -8.00
CA THR A 197 -1.13 2.03 -9.43
C THR A 197 -2.15 3.12 -9.73
N ARG A 198 -3.23 3.10 -8.96
CA ARG A 198 -4.29 4.09 -9.10
C ARG A 198 -3.85 5.46 -8.59
N LEU A 199 -2.93 5.48 -7.61
CA LEU A 199 -2.38 6.74 -7.13
C LEU A 199 -1.53 7.42 -8.22
N ILE A 200 -0.63 6.64 -8.83
CA ILE A 200 0.22 7.12 -9.94
C ILE A 200 -0.62 7.67 -11.05
N GLU A 201 -1.70 6.95 -11.37
CA GLU A 201 -2.64 7.37 -12.40
C GLU A 201 -3.36 8.68 -12.06
N LYS A 202 -3.77 8.83 -10.79
CA LYS A 202 -4.39 10.08 -10.33
C LYS A 202 -3.39 11.24 -10.35
N MET A 203 -2.12 10.93 -10.06
CA MET A 203 -1.08 11.96 -9.92
C MET A 203 -0.41 12.28 -11.25
N ASN A 204 -0.87 11.66 -12.34
CA ASN A 204 -0.14 11.75 -13.59
C ASN A 204 -0.03 13.21 -14.00
N GLY A 205 1.19 13.61 -14.37
CA GLY A 205 1.47 15.01 -14.71
C GLY A 205 1.74 15.92 -13.51
N ALA A 206 1.69 15.38 -12.29
CA ALA A 206 1.92 16.20 -11.05
C ALA A 206 3.15 15.77 -10.24
N PHE A 207 3.88 14.74 -10.70
CA PHE A 207 5.14 14.38 -10.07
C PHE A 207 6.27 14.47 -11.09
N SER A 208 7.40 15.07 -10.68
CA SER A 208 8.54 15.30 -11.58
C SER A 208 9.75 14.43 -11.24
N HIS A 209 9.64 13.65 -10.17
CA HIS A 209 10.69 12.74 -9.78
C HIS A 209 10.04 11.61 -9.02
N VAL A 210 10.65 10.45 -9.13
CA VAL A 210 10.21 9.23 -8.49
C VAL A 210 11.45 8.64 -7.80
N GLN A 211 11.25 8.06 -6.63
CA GLN A 211 12.27 7.30 -5.92
C GLN A 211 11.71 5.94 -5.53
N ILE A 212 12.63 4.98 -5.38
CA ILE A 212 12.30 3.59 -5.03
C ILE A 212 13.22 2.99 -3.98
N ALA A 213 12.66 2.04 -3.21
CA ALA A 213 13.38 1.24 -2.25
C ALA A 213 12.42 0.14 -1.79
N SER A 214 12.94 -1.00 -1.40
CA SER A 214 12.06 -2.08 -0.92
C SER A 214 11.25 -1.64 0.31
N VAL A 215 10.04 -2.20 0.42
CA VAL A 215 9.19 -2.00 1.57
C VAL A 215 9.01 -3.37 2.24
N PRO A 216 9.21 -3.48 3.57
CA PRO A 216 9.47 -2.38 4.48
C PRO A 216 10.94 -2.04 4.80
N ASP A 217 11.89 -2.81 4.30
CA ASP A 217 13.26 -2.69 4.85
C ASP A 217 14.22 -1.73 4.13
N ARG A 218 13.74 -1.10 3.07
CA ARG A 218 14.42 0.02 2.39
C ARG A 218 15.74 -0.41 1.76
N HIS A 219 15.71 -1.57 1.11
CA HIS A 219 16.87 -2.11 0.40
C HIS A 219 16.60 -2.16 -1.12
N GLU A 220 17.40 -2.93 -1.86
CA GLU A 220 17.22 -3.08 -3.30
C GLU A 220 15.76 -3.34 -3.68
N PRO A 221 15.30 -2.77 -4.83
CA PRO A 221 13.88 -2.93 -5.24
C PRO A 221 13.59 -4.29 -5.91
N ASP A 222 14.10 -5.37 -5.33
CA ASP A 222 13.87 -6.70 -5.84
C ASP A 222 13.41 -7.62 -4.71
N GLU A 223 12.97 -7.03 -3.61
CA GLU A 223 12.50 -7.82 -2.46
C GLU A 223 11.35 -7.07 -1.81
N GLY A 224 10.63 -7.73 -0.93
CA GLY A 224 9.62 -7.01 -0.15
C GLY A 224 8.26 -7.05 -0.79
N GLU A 225 7.37 -6.20 -0.27
CA GLU A 225 5.95 -6.29 -0.59
C GLU A 225 5.54 -5.73 -1.94
N LEU A 226 6.38 -4.89 -2.56
CA LEU A 226 6.06 -4.31 -3.85
C LEU A 226 6.72 -5.07 -4.99
N ASN A 227 5.99 -5.21 -6.10
CA ASN A 227 6.51 -5.73 -7.34
C ASN A 227 6.99 -4.57 -8.22
N TYR A 228 8.27 -4.19 -8.07
CA TYR A 228 8.78 -3.01 -8.73
C TYR A 228 8.77 -3.07 -10.26
N PRO A 229 9.04 -4.26 -10.88
CA PRO A 229 8.92 -4.30 -12.34
C PRO A 229 7.54 -3.90 -12.87
N TYR A 230 6.49 -4.28 -12.15
CA TYR A 230 5.14 -3.88 -12.53
C TYR A 230 5.00 -2.38 -12.44
N LEU A 231 5.51 -1.82 -11.34
CA LEU A 231 5.38 -0.39 -11.10
C LEU A 231 6.17 0.39 -12.17
N PHE A 232 7.34 -0.12 -12.59
CA PHE A 232 8.06 0.49 -13.71
C PHE A 232 7.20 0.54 -14.97
N SER A 233 6.39 -0.50 -15.18
CA SER A 233 5.55 -0.58 -16.37
C SER A 233 4.41 0.43 -16.27
N VAL A 234 3.98 0.70 -15.03
CA VAL A 234 2.92 1.71 -14.79
C VAL A 234 3.48 3.11 -15.13
N LEU A 235 4.68 3.40 -14.67
CA LEU A 235 5.30 4.70 -14.93
C LEU A 235 5.38 4.94 -16.42
N GLU A 236 5.76 3.89 -17.15
CA GLU A 236 5.88 3.98 -18.63
C GLU A 236 4.54 4.21 -19.30
N SER A 237 3.52 3.50 -18.81
CA SER A 237 2.15 3.58 -19.31
C SER A 237 1.55 4.97 -19.18
N VAL A 238 1.85 5.68 -18.08
CA VAL A 238 1.34 7.03 -17.89
C VAL A 238 2.18 8.09 -18.62
N GLY A 239 3.29 7.70 -19.24
CA GLY A 239 4.11 8.62 -19.99
C GLY A 239 5.14 9.35 -19.15
N TYR A 240 5.55 8.76 -18.02
CA TYR A 240 6.59 9.37 -17.19
C TYR A 240 7.93 9.22 -17.88
N ARG A 241 8.65 10.32 -18.06
CA ARG A 241 9.96 10.29 -18.67
C ARG A 241 11.01 11.07 -17.87
N GLY A 242 10.78 11.19 -16.57
CA GLY A 242 11.81 11.72 -15.67
C GLY A 242 12.75 10.59 -15.27
N TRP A 243 13.40 10.73 -14.13
CA TRP A 243 14.34 9.73 -13.63
C TRP A 243 13.72 9.01 -12.44
N VAL A 244 14.24 7.83 -12.15
CA VAL A 244 13.86 7.07 -10.97
C VAL A 244 15.06 6.97 -10.03
N GLY A 245 14.99 7.66 -8.90
CA GLY A 245 16.10 7.69 -7.94
C GLY A 245 16.15 6.44 -7.07
N CYS A 246 17.34 5.85 -6.95
CA CYS A 246 17.56 4.65 -6.12
C CYS A 246 18.01 5.01 -4.69
N GLU A 247 17.05 5.47 -3.89
CA GLU A 247 17.30 5.90 -2.54
C GLU A 247 17.00 4.72 -1.61
N TYR A 248 17.89 3.75 -1.67
CA TYR A 248 17.79 2.60 -0.81
C TYR A 248 19.11 2.34 -0.15
N ASN A 249 19.05 1.61 0.94
CA ASN A 249 20.24 1.17 1.66
C ASN A 249 20.58 -0.25 1.23
N PRO A 250 21.72 -0.41 0.55
CA PRO A 250 21.98 -1.77 0.03
C PRO A 250 22.00 -2.82 1.14
N ARG A 251 21.46 -4.01 0.88
CA ARG A 251 21.54 -5.14 1.84
C ARG A 251 22.97 -5.40 2.30
N GLY A 252 23.88 -5.46 1.35
CA GLY A 252 25.28 -5.69 1.63
C GLY A 252 26.12 -4.73 0.82
N LYS A 253 27.10 -5.29 0.10
CA LYS A 253 27.93 -4.49 -0.79
C LYS A 253 27.05 -3.93 -1.92
N THR A 254 27.21 -2.64 -2.24
CA THR A 254 26.34 -2.01 -3.22
C THR A 254 26.27 -2.80 -4.54
N GLU A 255 27.43 -3.12 -5.14
CA GLU A 255 27.47 -3.76 -6.47
C GLU A 255 26.95 -5.21 -6.46
N SER A 256 27.05 -5.88 -5.31
CA SER A 256 26.52 -7.24 -5.21
C SER A 256 25.00 -7.29 -5.28
N GLY A 257 24.38 -6.15 -5.02
CA GLY A 257 22.92 -6.00 -5.06
C GLY A 257 22.33 -5.55 -6.39
N LEU A 258 23.16 -5.34 -7.41
CA LEU A 258 22.68 -4.70 -8.64
C LEU A 258 22.15 -5.62 -9.75
N ALA A 259 21.86 -6.89 -9.46
CA ALA A 259 21.24 -7.76 -10.48
C ALA A 259 19.92 -7.18 -11.01
N TRP A 260 19.15 -6.52 -10.14
CA TRP A 260 17.85 -5.97 -10.52
C TRP A 260 18.00 -4.93 -11.61
N PHE A 261 19.15 -4.24 -11.58
CA PHE A 261 19.45 -3.13 -12.49
C PHE A 261 20.03 -3.61 -13.84
N ALA A 262 20.47 -4.87 -13.90
CA ALA A 262 21.12 -5.42 -15.12
C ALA A 262 20.39 -5.11 -16.44
N PRO A 263 19.07 -5.30 -16.51
CA PRO A 263 18.32 -4.98 -17.73
C PRO A 263 18.33 -3.51 -18.17
N TYR A 264 18.67 -2.61 -17.26
CA TYR A 264 18.50 -1.18 -17.48
C TYR A 264 19.81 -0.42 -17.62
N ARG A 265 20.94 -1.08 -17.39
CA ARG A 265 22.21 -0.37 -17.23
C ARG A 265 22.77 0.21 -18.53
N ASP A 266 23.56 1.27 -18.38
CA ASP A 266 24.03 2.18 -19.45
C ASP A 266 23.00 3.29 -19.72
N HIS B 7 9.52 -25.15 6.58
CA HIS B 7 8.92 -25.48 5.26
C HIS B 7 7.39 -25.61 5.29
N HIS B 8 6.74 -25.11 6.36
CA HIS B 8 5.28 -24.97 6.32
C HIS B 8 4.99 -23.94 5.22
N MET B 9 3.98 -24.22 4.41
CA MET B 9 3.57 -23.32 3.34
C MET B 9 2.12 -22.94 3.58
N PRO B 10 1.65 -21.82 3.01
CA PRO B 10 0.26 -21.48 3.21
C PRO B 10 -0.67 -22.45 2.51
N ARG B 11 -1.86 -22.56 3.06
CA ARG B 11 -2.89 -23.40 2.44
C ARG B 11 -3.98 -22.54 1.82
N PHE B 12 -4.29 -22.83 0.57
CA PHE B 12 -5.16 -21.98 -0.22
C PHE B 12 -6.54 -22.59 -0.43
N ALA B 13 -7.58 -21.75 -0.36
CA ALA B 13 -8.96 -22.14 -0.62
C ALA B 13 -9.40 -21.43 -1.88
N ALA B 14 -10.00 -22.16 -2.81
CA ALA B 14 -10.54 -21.58 -4.04
C ALA B 14 -11.84 -20.90 -3.67
N ASN B 15 -12.06 -19.69 -4.15
CA ASN B 15 -13.33 -18.98 -3.97
C ASN B 15 -14.26 -19.35 -5.15
N LEU B 16 -15.30 -20.13 -4.87
CA LEU B 16 -16.17 -20.65 -5.91
C LEU B 16 -17.21 -19.62 -6.35
N SER B 17 -17.27 -18.47 -5.70
CA SER B 17 -18.10 -17.38 -6.20
C SER B 17 -17.37 -16.66 -7.36
N THR B 18 -16.06 -16.46 -7.23
CA THR B 18 -15.32 -15.67 -8.22
C THR B 18 -14.50 -16.55 -9.23
N MET B 19 -14.11 -17.74 -8.81
CA MET B 19 -13.33 -18.68 -9.64
C MET B 19 -14.20 -19.76 -10.23
N PHE B 20 -13.72 -20.41 -11.30
CA PHE B 20 -14.43 -21.50 -11.95
C PHE B 20 -15.86 -21.15 -12.44
N ASN B 21 -16.09 -19.87 -12.76
CA ASN B 21 -17.39 -19.40 -13.28
C ASN B 21 -17.67 -19.87 -14.75
N GLU B 22 -16.72 -20.62 -15.33
CA GLU B 22 -16.93 -21.30 -16.60
C GLU B 22 -18.01 -22.39 -16.50
N VAL B 23 -18.27 -22.85 -15.29
CA VAL B 23 -19.34 -23.83 -15.06
C VAL B 23 -20.28 -23.32 -13.96
N PRO B 24 -21.50 -23.90 -13.86
CA PRO B 24 -22.40 -23.53 -12.77
C PRO B 24 -21.85 -23.92 -11.41
N PHE B 25 -22.39 -23.30 -10.36
CA PHE B 25 -21.84 -23.37 -9.00
C PHE B 25 -21.52 -24.78 -8.51
N LEU B 26 -22.48 -25.70 -8.61
CA LEU B 26 -22.30 -27.04 -8.00
C LEU B 26 -21.18 -27.81 -8.68
N GLU B 27 -20.89 -27.50 -9.95
CA GLU B 27 -19.78 -28.17 -10.66
C GLU B 27 -18.39 -27.63 -10.26
N ARG B 28 -18.36 -26.48 -9.58
CA ARG B 28 -17.10 -25.84 -9.24
C ARG B 28 -16.32 -26.57 -8.15
N PHE B 29 -17.04 -27.36 -7.33
CA PHE B 29 -16.41 -28.11 -6.27
C PHE B 29 -15.43 -29.13 -6.86
N ARG B 30 -15.89 -29.92 -7.83
CA ARG B 30 -15.04 -30.86 -8.56
C ARG B 30 -13.85 -30.18 -9.23
N LEU B 31 -14.11 -29.09 -9.93
CA LEU B 31 -13.02 -28.41 -10.63
C LEU B 31 -11.94 -27.91 -9.63
N ALA B 32 -12.36 -27.40 -8.47
CA ALA B 32 -11.41 -26.92 -7.49
C ALA B 32 -10.55 -28.05 -6.98
N ALA B 33 -11.21 -29.18 -6.71
CA ALA B 33 -10.53 -30.37 -6.17
C ALA B 33 -9.54 -30.94 -7.20
N GLU B 34 -9.97 -31.00 -8.46
CA GLU B 34 -9.09 -31.50 -9.53
C GLU B 34 -7.90 -30.59 -9.80
N ALA B 35 -8.06 -29.29 -9.52
CA ALA B 35 -6.96 -28.32 -9.60
C ALA B 35 -6.00 -28.39 -8.42
N GLY B 36 -6.31 -29.22 -7.42
CA GLY B 36 -5.44 -29.40 -6.26
C GLY B 36 -5.74 -28.58 -5.01
N PHE B 37 -6.89 -27.89 -5.00
CA PHE B 37 -7.35 -27.21 -3.77
C PHE B 37 -7.95 -28.23 -2.79
N GLY B 38 -7.62 -28.09 -1.51
CA GLY B 38 -8.20 -28.89 -0.44
C GLY B 38 -9.26 -28.14 0.33
N GLY B 39 -9.41 -26.86 0.06
CA GLY B 39 -10.40 -26.04 0.72
C GLY B 39 -11.10 -25.11 -0.24
N VAL B 40 -12.34 -24.74 0.10
CA VAL B 40 -13.07 -23.78 -0.68
C VAL B 40 -13.80 -22.75 0.20
N GLU B 41 -14.12 -21.62 -0.40
CA GLU B 41 -14.97 -20.63 0.21
C GLU B 41 -15.91 -20.10 -0.85
N PHE B 42 -16.96 -19.43 -0.44
CA PHE B 42 -17.84 -18.72 -1.37
C PHE B 42 -18.69 -17.76 -0.56
N LEU B 43 -19.45 -16.89 -1.21
CA LEU B 43 -20.18 -15.89 -0.45
C LEU B 43 -21.42 -16.51 0.26
N PHE B 44 -22.37 -17.03 -0.51
CA PHE B 44 -23.68 -17.42 0.02
C PHE B 44 -24.13 -18.81 -0.41
N PRO B 45 -24.40 -19.71 0.55
CA PRO B 45 -24.94 -21.02 0.20
C PRO B 45 -26.45 -21.11 0.17
N TYR B 46 -27.14 -20.02 0.46
CA TYR B 46 -28.53 -20.08 0.89
C TYR B 46 -29.55 -20.45 -0.19
N ASP B 47 -29.18 -20.35 -1.47
N ASP B 47 -29.15 -20.36 -1.46
CA ASP B 47 -30.07 -20.75 -2.57
CA ASP B 47 -30.03 -20.76 -2.58
C ASP B 47 -29.96 -22.25 -2.89
C ASP B 47 -29.90 -22.24 -2.92
N PHE B 48 -29.17 -22.97 -2.09
CA PHE B 48 -28.94 -24.41 -2.27
C PHE B 48 -29.22 -25.14 -0.96
N ASP B 49 -29.66 -26.40 -1.07
CA ASP B 49 -29.86 -27.33 0.05
C ASP B 49 -28.49 -27.57 0.75
N ALA B 50 -28.43 -27.34 2.07
CA ALA B 50 -27.22 -27.63 2.84
C ALA B 50 -26.68 -29.05 2.63
N ASP B 51 -27.58 -30.03 2.59
CA ASP B 51 -27.23 -31.44 2.35
C ASP B 51 -26.49 -31.65 1.03
N VAL B 52 -26.87 -30.89 0.00
CA VAL B 52 -26.26 -31.03 -1.34
C VAL B 52 -24.82 -30.49 -1.30
N ILE B 53 -24.68 -29.31 -0.72
CA ILE B 53 -23.33 -28.73 -0.53
C ILE B 53 -22.45 -29.63 0.38
N ALA B 54 -23.02 -30.18 1.45
CA ALA B 54 -22.25 -31.12 2.28
C ALA B 54 -21.72 -32.30 1.46
N ARG B 55 -22.58 -32.85 0.60
CA ARG B 55 -22.17 -33.96 -0.27
C ARG B 55 -21.13 -33.55 -1.30
N GLU B 56 -21.19 -32.31 -1.77
CA GLU B 56 -20.14 -31.79 -2.65
C GLU B 56 -18.79 -31.81 -1.92
N LEU B 57 -18.74 -31.31 -0.69
CA LEU B 57 -17.52 -31.28 0.11
C LEU B 57 -16.97 -32.68 0.37
N LYS B 58 -17.87 -33.61 0.71
CA LYS B 58 -17.46 -34.97 1.03
C LYS B 58 -16.96 -35.71 -0.21
N GLN B 59 -17.72 -35.62 -1.29
CA GLN B 59 -17.40 -36.38 -2.52
C GLN B 59 -16.10 -35.92 -3.14
N HIS B 60 -15.81 -34.62 -3.01
CA HIS B 60 -14.62 -34.04 -3.61
C HIS B 60 -13.46 -33.76 -2.63
N ASN B 61 -13.59 -34.25 -1.39
N ASN B 61 -13.57 -34.30 -1.41
CA ASN B 61 -12.53 -34.15 -0.39
CA ASN B 61 -12.56 -34.18 -0.35
C ASN B 61 -12.10 -32.71 -0.11
C ASN B 61 -12.11 -32.73 -0.08
N LEU B 62 -13.10 -31.88 0.20
CA LEU B 62 -12.89 -30.46 0.42
C LEU B 62 -13.35 -29.95 1.79
N THR B 63 -12.57 -29.04 2.37
CA THR B 63 -12.93 -28.34 3.59
C THR B 63 -13.64 -27.03 3.25
N GLN B 64 -14.78 -26.78 3.89
CA GLN B 64 -15.43 -25.46 3.82
C GLN B 64 -14.75 -24.50 4.79
N VAL B 65 -14.04 -23.52 4.24
CA VAL B 65 -13.20 -22.62 5.04
C VAL B 65 -13.97 -21.40 5.54
N LEU B 66 -14.89 -20.89 4.74
CA LEU B 66 -15.59 -19.65 5.04
C LEU B 66 -16.83 -19.51 4.20
N PHE B 67 -17.85 -18.84 4.74
CA PHE B 67 -18.88 -18.25 3.91
C PHE B 67 -19.53 -17.09 4.71
N ASN B 68 -20.41 -16.36 4.06
CA ASN B 68 -21.07 -15.20 4.68
C ASN B 68 -22.42 -15.52 5.30
N MET B 69 -22.79 -14.76 6.33
CA MET B 69 -24.14 -14.78 6.84
C MET B 69 -25.08 -14.14 5.80
N PRO B 70 -26.40 -14.37 5.92
CA PRO B 70 -27.28 -13.73 4.95
C PRO B 70 -27.11 -12.19 4.91
N PRO B 71 -27.11 -11.61 3.71
CA PRO B 71 -26.82 -10.19 3.57
C PRO B 71 -28.01 -9.23 3.55
N GLY B 72 -29.22 -9.76 3.65
CA GLY B 72 -30.43 -9.00 3.35
C GLY B 72 -30.79 -9.14 1.88
N ASP B 73 -31.33 -8.09 1.29
CA ASP B 73 -31.83 -8.17 -0.09
C ASP B 73 -30.73 -7.71 -1.04
N TRP B 74 -29.95 -8.66 -1.51
CA TRP B 74 -28.76 -8.35 -2.33
C TRP B 74 -29.15 -7.70 -3.65
N ALA B 75 -30.20 -8.24 -4.28
CA ALA B 75 -30.69 -7.68 -5.55
C ALA B 75 -31.00 -6.20 -5.43
N ALA B 76 -31.53 -5.79 -4.27
CA ALA B 76 -31.90 -4.39 -4.04
C ALA B 76 -30.72 -3.53 -3.54
N GLY B 77 -29.52 -4.10 -3.56
CA GLY B 77 -28.29 -3.40 -3.18
C GLY B 77 -27.81 -3.51 -1.75
N GLU B 78 -28.47 -4.33 -0.92
CA GLU B 78 -28.08 -4.49 0.49
C GLU B 78 -26.78 -5.29 0.59
N ARG B 79 -25.89 -4.92 1.50
CA ARG B 79 -24.58 -5.58 1.64
C ARG B 79 -24.34 -5.88 3.11
N GLY B 80 -25.33 -6.50 3.72
CA GLY B 80 -25.29 -6.88 5.14
C GLY B 80 -26.12 -5.90 5.98
N MET B 81 -26.39 -6.25 7.22
N MET B 81 -26.30 -6.21 7.25
CA MET B 81 -27.08 -5.34 8.15
CA MET B 81 -27.07 -5.35 8.15
C MET B 81 -26.60 -5.40 9.61
C MET B 81 -26.54 -5.29 9.58
N ALA B 82 -25.36 -5.85 9.84
CA ALA B 82 -24.83 -5.92 11.23
C ALA B 82 -24.62 -4.54 11.88
N ALA B 83 -24.38 -3.50 11.08
CA ALA B 83 -24.23 -2.14 11.60
C ALA B 83 -25.43 -1.22 11.34
N ILE B 84 -26.59 -1.77 10.96
CA ILE B 84 -27.79 -0.93 10.71
C ILE B 84 -28.83 -1.03 11.82
N SER B 85 -28.96 0.04 12.60
N SER B 85 -28.97 0.04 12.59
CA SER B 85 -29.88 0.11 13.72
CA SER B 85 -29.87 0.10 13.73
C SER B 85 -31.32 -0.20 13.32
C SER B 85 -31.33 -0.16 13.35
N GLY B 86 -32.00 -0.99 14.15
CA GLY B 86 -33.37 -1.43 13.88
C GLY B 86 -33.48 -2.79 13.23
N ARG B 87 -32.40 -3.27 12.64
CA ARG B 87 -32.44 -4.54 11.92
C ARG B 87 -31.80 -5.66 12.74
N GLU B 88 -31.73 -5.47 14.06
CA GLU B 88 -31.00 -6.40 14.93
C GLU B 88 -31.67 -7.75 15.03
N GLN B 89 -32.98 -7.80 15.20
CA GLN B 89 -33.60 -9.13 15.32
C GLN B 89 -33.50 -9.90 13.99
N GLU B 90 -33.57 -9.18 12.89
CA GLU B 90 -33.31 -9.78 11.56
C GLU B 90 -31.92 -10.41 11.47
N PHE B 91 -30.93 -9.65 11.92
CA PHE B 91 -29.59 -10.15 12.02
C PHE B 91 -29.52 -11.40 12.92
N ARG B 92 -30.22 -11.36 14.05
CA ARG B 92 -30.21 -12.50 14.98
C ARG B 92 -30.81 -13.74 14.34
N ASP B 93 -31.95 -13.58 13.66
CA ASP B 93 -32.57 -14.71 12.97
C ASP B 93 -31.61 -15.25 11.92
N ASN B 94 -30.89 -14.34 11.26
CA ASN B 94 -29.96 -14.70 10.21
C ASN B 94 -28.78 -15.48 10.76
N VAL B 95 -28.38 -15.24 12.00
CA VAL B 95 -27.37 -16.07 12.65
C VAL B 95 -27.81 -17.56 12.69
N ASP B 96 -29.08 -17.81 13.01
N ASP B 96 -29.07 -17.83 12.99
CA ASP B 96 -29.63 -19.19 13.05
CA ASP B 96 -29.51 -19.22 13.07
C ASP B 96 -29.50 -19.91 11.71
C ASP B 96 -29.51 -19.94 11.70
N ILE B 97 -29.84 -19.21 10.64
CA ILE B 97 -29.76 -19.75 9.28
C ILE B 97 -28.32 -20.07 8.91
N ALA B 98 -27.43 -19.11 9.17
CA ALA B 98 -25.99 -19.31 8.95
C ALA B 98 -25.43 -20.48 9.77
N LEU B 99 -25.84 -20.59 11.03
CA LEU B 99 -25.40 -21.71 11.89
C LEU B 99 -25.83 -23.07 11.34
N HIS B 100 -27.07 -23.16 10.86
CA HIS B 100 -27.55 -24.41 10.26
C HIS B 100 -26.63 -24.87 9.14
N TYR B 101 -26.26 -23.93 8.25
CA TYR B 101 -25.35 -24.25 7.16
C TYR B 101 -23.95 -24.57 7.65
N ALA B 102 -23.45 -23.81 8.63
CA ALA B 102 -22.09 -24.01 9.14
C ALA B 102 -21.95 -25.42 9.75
N LEU B 103 -22.98 -25.85 10.47
CA LEU B 103 -22.94 -27.17 11.10
C LEU B 103 -22.97 -28.26 10.00
N ALA B 104 -23.84 -28.08 9.02
CA ALA B 104 -23.96 -29.02 7.91
C ALA B 104 -22.64 -29.18 7.12
N LEU B 105 -21.94 -28.07 6.95
CA LEU B 105 -20.72 -28.04 6.17
C LEU B 105 -19.43 -28.17 7.01
N ASP B 106 -19.57 -28.33 8.34
CA ASP B 106 -18.45 -28.32 9.29
C ASP B 106 -17.53 -27.10 9.08
N CYS B 107 -18.12 -25.94 8.93
CA CYS B 107 -17.40 -24.68 8.71
C CYS B 107 -17.27 -23.98 10.04
N ARG B 108 -16.05 -23.56 10.37
N ARG B 108 -16.07 -23.51 10.36
CA ARG B 108 -15.76 -22.96 11.69
CA ARG B 108 -15.83 -22.94 11.67
C ARG B 108 -15.65 -21.43 11.65
C ARG B 108 -15.58 -21.44 11.63
N THR B 109 -15.88 -20.82 10.49
CA THR B 109 -15.65 -19.39 10.31
C THR B 109 -16.72 -18.76 9.43
N LEU B 110 -17.37 -17.70 9.93
CA LEU B 110 -18.44 -17.02 9.21
C LEU B 110 -18.13 -15.53 9.14
N HIS B 111 -18.39 -14.92 8.00
CA HIS B 111 -18.28 -13.47 7.82
C HIS B 111 -19.64 -12.79 7.96
N ALA B 112 -19.75 -11.87 8.94
CA ALA B 112 -20.98 -11.10 9.13
C ALA B 112 -20.81 -9.76 8.43
N MET B 113 -21.56 -9.53 7.37
CA MET B 113 -21.49 -8.26 6.64
C MET B 113 -22.21 -7.16 7.44
N SER B 114 -21.73 -5.93 7.30
CA SER B 114 -22.20 -4.82 8.13
C SER B 114 -23.20 -3.89 7.44
N GLY B 115 -23.14 -3.79 6.12
CA GLY B 115 -24.04 -2.93 5.34
C GLY B 115 -23.45 -1.61 4.87
N ILE B 116 -24.18 -0.97 3.95
CA ILE B 116 -23.89 0.37 3.47
C ILE B 116 -24.48 1.31 4.54
N THR B 117 -23.63 2.07 5.20
CA THR B 117 -24.07 2.92 6.31
C THR B 117 -23.91 4.42 6.03
N GLU B 118 -23.41 4.78 4.85
CA GLU B 118 -23.32 6.17 4.46
C GLU B 118 -24.67 6.86 4.67
N GLY B 119 -24.65 8.03 5.28
CA GLY B 119 -25.89 8.76 5.57
C GLY B 119 -26.50 8.42 6.92
N LEU B 120 -26.07 7.33 7.56
CA LEU B 120 -26.55 7.00 8.90
C LEU B 120 -25.65 7.58 9.97
N ASP B 121 -26.19 7.72 11.19
CA ASP B 121 -25.42 8.22 12.32
C ASP B 121 -24.32 7.23 12.65
N ARG B 122 -23.06 7.67 12.64
CA ARG B 122 -21.93 6.75 12.77
C ARG B 122 -21.92 6.05 14.13
N LYS B 123 -22.16 6.80 15.20
CA LYS B 123 -22.17 6.24 16.54
C LYS B 123 -23.23 5.13 16.69
N ALA B 124 -24.45 5.39 16.21
CA ALA B 124 -25.50 4.37 16.22
C ALA B 124 -25.10 3.10 15.45
N CYS B 125 -24.46 3.27 14.30
CA CYS B 125 -23.97 2.14 13.53
C CYS B 125 -22.91 1.30 14.30
N GLU B 126 -21.96 1.97 14.94
CA GLU B 126 -20.93 1.28 15.72
C GLU B 126 -21.52 0.52 16.92
N GLU B 127 -22.45 1.17 17.61
N GLU B 127 -22.46 1.13 17.64
CA GLU B 127 -23.17 0.56 18.75
CA GLU B 127 -23.06 0.47 18.79
C GLU B 127 -23.85 -0.71 18.29
C GLU B 127 -23.90 -0.72 18.33
N THR B 128 -24.57 -0.61 17.18
CA THR B 128 -25.33 -1.73 16.62
C THR B 128 -24.39 -2.85 16.17
N PHE B 129 -23.28 -2.51 15.51
CA PHE B 129 -22.26 -3.50 15.13
C PHE B 129 -21.79 -4.26 16.36
N ILE B 130 -21.49 -3.54 17.44
CA ILE B 130 -20.97 -4.17 18.64
C ILE B 130 -21.98 -5.14 19.26
N GLU B 131 -23.25 -4.73 19.34
CA GLU B 131 -24.30 -5.59 19.91
C GLU B 131 -24.53 -6.84 19.08
N ASN B 132 -24.57 -6.66 17.76
CA ASN B 132 -24.80 -7.78 16.84
C ASN B 132 -23.66 -8.79 16.85
N PHE B 133 -22.43 -8.27 16.86
CA PHE B 133 -21.25 -9.13 16.90
C PHE B 133 -21.16 -9.86 18.23
N ARG B 134 -21.56 -9.23 19.35
CA ARG B 134 -21.59 -9.94 20.64
C ARG B 134 -22.62 -11.07 20.65
N TYR B 135 -23.81 -10.79 20.12
CA TYR B 135 -24.86 -11.78 20.03
C TYR B 135 -24.39 -12.97 19.17
N ALA B 136 -23.81 -12.67 18.00
CA ALA B 136 -23.33 -13.71 17.11
C ALA B 136 -22.23 -14.51 17.80
N ALA B 137 -21.29 -13.83 18.47
CA ALA B 137 -20.20 -14.54 19.15
C ALA B 137 -20.77 -15.51 20.17
N ASP B 138 -21.74 -15.03 20.94
CA ASP B 138 -22.31 -15.80 22.02
C ASP B 138 -23.08 -17.03 21.51
N LYS B 139 -23.78 -16.90 20.40
CA LYS B 139 -24.56 -18.01 19.81
C LYS B 139 -23.66 -19.04 19.14
N LEU B 140 -22.55 -18.55 18.62
CA LEU B 140 -21.63 -19.40 17.84
C LEU B 140 -20.53 -20.09 18.68
N ALA B 141 -20.21 -19.53 19.84
CA ALA B 141 -19.12 -20.05 20.69
C ALA B 141 -19.36 -21.51 21.13
N PRO B 142 -20.61 -21.92 21.41
CA PRO B 142 -20.86 -23.33 21.79
C PRO B 142 -20.45 -24.35 20.73
N HIS B 143 -20.38 -23.88 19.49
CA HIS B 143 -20.05 -24.68 18.31
C HIS B 143 -18.64 -24.43 17.77
N GLY B 144 -17.87 -23.65 18.52
CA GLY B 144 -16.48 -23.34 18.15
C GLY B 144 -16.34 -22.53 16.87
N ILE B 145 -17.38 -21.77 16.53
CA ILE B 145 -17.39 -20.99 15.29
C ILE B 145 -17.02 -19.53 15.58
N THR B 146 -16.16 -18.99 14.73
CA THR B 146 -15.70 -17.60 14.81
C THR B 146 -16.49 -16.75 13.81
N VAL B 147 -16.83 -15.53 14.21
CA VAL B 147 -17.46 -14.55 13.32
C VAL B 147 -16.43 -13.47 12.98
N LEU B 148 -16.38 -13.12 11.70
CA LEU B 148 -15.42 -12.13 11.22
C LEU B 148 -16.07 -10.87 10.69
N VAL B 149 -15.33 -9.78 10.87
CA VAL B 149 -15.54 -8.51 10.18
C VAL B 149 -14.50 -8.36 9.07
N GLU B 150 -14.96 -8.05 7.86
CA GLU B 150 -14.05 -7.82 6.74
C GLU B 150 -14.07 -6.37 6.26
N PRO B 151 -12.97 -5.64 6.50
CA PRO B 151 -12.92 -4.32 5.86
C PRO B 151 -12.88 -4.45 4.35
N LEU B 152 -13.64 -3.60 3.66
CA LEU B 152 -13.66 -3.59 2.20
C LEU B 152 -12.90 -2.34 1.71
N ASN B 153 -13.22 -1.84 0.54
CA ASN B 153 -12.59 -0.62 0.03
C ASN B 153 -13.66 0.28 -0.61
N THR B 154 -13.40 1.59 -0.64
CA THR B 154 -14.41 2.56 -1.03
C THR B 154 -14.56 2.69 -2.55
N ARG B 155 -13.66 2.08 -3.32
CA ARG B 155 -13.78 2.04 -4.78
C ARG B 155 -14.78 0.98 -5.21
N ASN B 156 -14.59 -0.24 -4.72
CA ASN B 156 -15.50 -1.34 -5.04
C ASN B 156 -16.79 -1.36 -4.23
N MET B 157 -16.80 -0.76 -3.03
CA MET B 157 -17.98 -0.76 -2.17
C MET B 157 -18.14 0.60 -1.48
N PRO B 158 -18.42 1.65 -2.26
CA PRO B 158 -18.65 2.97 -1.67
C PRO B 158 -19.75 2.96 -0.61
N GLY B 159 -19.49 3.67 0.48
CA GLY B 159 -20.44 3.79 1.59
C GLY B 159 -20.50 2.63 2.55
N TYR B 160 -19.67 1.61 2.35
CA TYR B 160 -19.62 0.45 3.24
C TYR B 160 -19.17 0.87 4.65
N PHE B 161 -19.68 0.19 5.65
CA PHE B 161 -19.45 0.54 7.06
C PHE B 161 -17.98 0.58 7.49
N ILE B 162 -17.19 -0.40 7.05
CA ILE B 162 -15.85 -0.57 7.57
C ILE B 162 -14.88 -0.83 6.43
N VAL B 163 -13.90 0.06 6.27
CA VAL B 163 -12.94 -0.04 5.15
C VAL B 163 -11.47 0.18 5.57
N HIS B 164 -11.18 0.12 6.89
CA HIS B 164 -9.82 0.24 7.39
C HIS B 164 -9.50 -0.87 8.40
N GLN B 165 -8.30 -1.45 8.25
CA GLN B 165 -7.92 -2.65 9.02
C GLN B 165 -7.76 -2.42 10.52
N LEU B 166 -6.97 -1.43 10.91
CA LEU B 166 -6.71 -1.23 12.34
C LEU B 166 -7.99 -0.70 13.01
N GLU B 167 -8.83 0.01 12.24
CA GLU B 167 -10.15 0.44 12.74
C GLU B 167 -11.00 -0.78 13.09
N ALA B 168 -11.00 -1.79 12.23
CA ALA B 168 -11.76 -3.03 12.48
C ALA B 168 -11.18 -3.74 13.70
N VAL B 169 -9.85 -3.75 13.86
CA VAL B 169 -9.23 -4.34 15.05
C VAL B 169 -9.75 -3.67 16.33
N GLY B 170 -9.84 -2.35 16.28
CA GLY B 170 -10.39 -1.58 17.41
C GLY B 170 -11.85 -1.91 17.74
N LEU B 171 -12.68 -2.06 16.70
CA LEU B 171 -14.08 -2.41 16.90
C LEU B 171 -14.20 -3.80 17.51
N VAL B 172 -13.37 -4.74 17.06
CA VAL B 172 -13.38 -6.08 17.62
C VAL B 172 -12.94 -6.07 19.09
N LYS B 173 -11.94 -5.24 19.43
CA LYS B 173 -11.54 -5.09 20.84
C LYS B 173 -12.75 -4.62 21.68
N ARG B 174 -13.55 -3.72 21.15
CA ARG B 174 -14.74 -3.25 21.86
C ARG B 174 -15.79 -4.35 22.02
N VAL B 175 -15.94 -5.20 21.00
CA VAL B 175 -16.87 -6.32 21.06
C VAL B 175 -16.51 -7.23 22.24
N ASN B 176 -15.22 -7.45 22.44
CA ASN B 176 -14.71 -8.18 23.62
C ASN B 176 -15.24 -9.61 23.73
N ARG B 177 -15.01 -10.39 22.67
CA ARG B 177 -15.38 -11.81 22.62
C ARG B 177 -14.26 -12.56 21.91
N PRO B 178 -13.80 -13.69 22.48
CA PRO B 178 -12.65 -14.41 21.88
C PRO B 178 -12.85 -14.98 20.46
N ASN B 179 -14.08 -15.36 20.12
CA ASN B 179 -14.39 -15.97 18.81
C ASN B 179 -14.87 -14.92 17.81
N VAL B 180 -14.20 -13.79 17.82
CA VAL B 180 -14.48 -12.71 16.86
C VAL B 180 -13.11 -12.26 16.39
N ALA B 181 -12.97 -12.02 15.10
CA ALA B 181 -11.71 -11.54 14.55
C ALA B 181 -11.90 -10.81 13.21
N VAL B 182 -10.79 -10.39 12.63
CA VAL B 182 -10.80 -9.67 11.37
C VAL B 182 -10.53 -10.64 10.22
N GLN B 183 -11.21 -10.42 9.10
CA GLN B 183 -10.95 -11.08 7.85
C GLN B 183 -10.10 -10.11 7.04
N LEU B 184 -8.82 -10.47 6.84
CA LEU B 184 -7.85 -9.59 6.21
C LEU B 184 -7.72 -9.93 4.72
N ASP B 185 -8.44 -9.19 3.88
CA ASP B 185 -8.38 -9.32 2.43
C ASP B 185 -7.27 -8.32 2.00
N LEU B 186 -6.16 -8.85 1.50
CA LEU B 186 -4.97 -8.04 1.21
C LEU B 186 -5.17 -7.12 0.02
N TYR B 187 -6.14 -7.45 -0.84
CA TYR B 187 -6.57 -6.61 -1.94
C TYR B 187 -7.17 -5.32 -1.35
N HIS B 188 -8.12 -5.47 -0.45
CA HIS B 188 -8.71 -4.28 0.20
C HIS B 188 -7.71 -3.52 1.06
N ALA B 189 -6.92 -4.24 1.85
CA ALA B 189 -5.90 -3.64 2.73
C ALA B 189 -4.91 -2.79 1.95
N GLN B 190 -4.46 -3.29 0.82
CA GLN B 190 -3.55 -2.52 -0.08
C GLN B 190 -4.15 -1.24 -0.69
N ILE B 191 -5.41 -1.32 -1.09
N ILE B 191 -5.42 -1.31 -1.08
CA ILE B 191 -6.15 -0.19 -1.64
CA ILE B 191 -6.14 -0.16 -1.63
C ILE B 191 -6.41 0.89 -0.59
C ILE B 191 -6.38 0.90 -0.57
N MET B 192 -6.78 0.49 0.62
CA MET B 192 -7.17 1.45 1.66
C MET B 192 -6.03 1.90 2.58
N ASP B 193 -5.12 1.00 2.92
CA ASP B 193 -4.19 1.22 4.01
C ASP B 193 -2.71 1.17 3.61
N GLY B 194 -2.34 0.17 2.81
CA GLY B 194 -0.93 -0.05 2.52
C GLY B 194 -0.08 -0.51 3.70
N ASP B 195 1.25 -0.39 3.56
CA ASP B 195 2.22 -0.78 4.62
C ASP B 195 1.90 -2.20 5.13
N LEU B 196 1.81 -3.14 4.19
CA LEU B 196 1.20 -4.44 4.49
C LEU B 196 2.01 -5.33 5.44
N THR B 197 3.34 -5.34 5.31
CA THR B 197 4.19 -6.19 6.14
C THR B 197 4.05 -5.82 7.60
N ARG B 198 4.17 -4.52 7.87
CA ARG B 198 4.07 -3.96 9.18
C ARG B 198 2.64 -4.01 9.73
N LEU B 199 1.65 -3.91 8.84
CA LEU B 199 0.26 -4.03 9.24
C LEU B 199 -0.03 -5.46 9.73
N ILE B 200 0.41 -6.44 8.94
CA ILE B 200 0.26 -7.85 9.30
C ILE B 200 0.91 -8.15 10.65
N GLU B 201 2.12 -7.63 10.84
CA GLU B 201 2.84 -7.77 12.10
C GLU B 201 2.11 -7.11 13.28
N LYS B 202 1.54 -5.94 13.03
CA LYS B 202 0.71 -5.25 14.02
C LYS B 202 -0.57 -6.05 14.33
N MET B 203 -1.13 -6.71 13.31
CA MET B 203 -2.41 -7.42 13.43
C MET B 203 -2.25 -8.88 13.89
N ASN B 204 -1.02 -9.30 14.13
CA ASN B 204 -0.76 -10.71 14.46
C ASN B 204 -1.66 -11.18 15.60
N GLY B 205 -2.35 -12.30 15.37
CA GLY B 205 -3.26 -12.87 16.36
C GLY B 205 -4.66 -12.26 16.37
N ALA B 206 -4.91 -11.30 15.48
CA ALA B 206 -6.20 -10.62 15.41
C ALA B 206 -6.98 -10.90 14.12
N PHE B 207 -6.37 -11.62 13.16
CA PHE B 207 -7.03 -12.03 11.92
C PHE B 207 -7.06 -13.53 11.81
N SER B 208 -8.24 -14.07 11.46
CA SER B 208 -8.47 -15.51 11.39
C SER B 208 -8.62 -16.04 9.97
N HIS B 209 -8.62 -15.14 8.97
CA HIS B 209 -8.73 -15.52 7.59
C HIS B 209 -8.04 -14.45 6.76
N VAL B 210 -7.46 -14.89 5.67
CA VAL B 210 -6.77 -13.97 4.74
C VAL B 210 -7.35 -14.25 3.34
N GLN B 211 -7.45 -13.23 2.52
CA GLN B 211 -7.80 -13.40 1.10
C GLN B 211 -6.83 -12.61 0.24
N ILE B 212 -6.65 -13.07 -1.00
CA ILE B 212 -5.71 -12.45 -1.93
C ILE B 212 -6.32 -12.25 -3.32
N ALA B 213 -5.82 -11.23 -4.02
CA ALA B 213 -6.14 -10.94 -5.43
C ALA B 213 -5.16 -9.87 -5.87
N SER B 214 -4.82 -9.81 -7.15
CA SER B 214 -3.88 -8.80 -7.61
C SER B 214 -4.43 -7.40 -7.41
N VAL B 215 -3.52 -6.44 -7.22
CA VAL B 215 -3.90 -5.04 -7.12
C VAL B 215 -3.25 -4.34 -8.32
N PRO B 216 -4.03 -3.55 -9.07
CA PRO B 216 -5.41 -3.12 -8.84
C PRO B 216 -6.52 -3.92 -9.52
N ASP B 217 -6.18 -4.89 -10.37
CA ASP B 217 -7.18 -5.41 -11.29
C ASP B 217 -7.93 -6.66 -10.81
N ARG B 218 -7.55 -7.12 -9.62
CA ARG B 218 -8.27 -8.21 -8.89
C ARG B 218 -8.27 -9.52 -9.68
N HIS B 219 -7.12 -9.85 -10.24
CA HIS B 219 -6.90 -11.14 -10.91
C HIS B 219 -5.94 -12.02 -10.09
N GLU B 220 -5.42 -13.06 -10.74
CA GLU B 220 -4.44 -13.96 -10.16
C GLU B 220 -3.32 -13.25 -9.39
N PRO B 221 -2.85 -13.83 -8.29
CA PRO B 221 -1.83 -13.18 -7.44
C PRO B 221 -0.40 -13.39 -7.95
N ASP B 222 -0.20 -13.16 -9.24
CA ASP B 222 1.10 -13.25 -9.87
C ASP B 222 1.34 -12.04 -10.78
N GLU B 223 0.56 -10.98 -10.58
CA GLU B 223 0.65 -9.77 -11.39
C GLU B 223 0.36 -8.56 -10.51
N GLY B 224 0.68 -7.37 -10.99
CA GLY B 224 0.26 -6.16 -10.27
C GLY B 224 1.27 -5.69 -9.25
N GLU B 225 0.83 -4.75 -8.40
CA GLU B 225 1.77 -3.99 -7.59
C GLU B 225 2.28 -4.72 -6.38
N LEU B 226 1.61 -5.80 -5.94
CA LEU B 226 2.10 -6.57 -4.78
C LEU B 226 2.91 -7.79 -5.17
N ASN B 227 3.90 -8.11 -4.34
CA ASN B 227 4.72 -9.30 -4.45
C ASN B 227 4.14 -10.38 -3.50
N TYR B 228 3.22 -11.20 -4.01
CA TYR B 228 2.52 -12.13 -3.14
C TYR B 228 3.42 -13.21 -2.52
N PRO B 229 4.41 -13.75 -3.27
CA PRO B 229 5.31 -14.71 -2.62
C PRO B 229 5.96 -14.17 -1.33
N TYR B 230 6.36 -12.90 -1.37
CA TYR B 230 6.90 -12.26 -0.18
C TYR B 230 5.86 -12.22 0.92
N LEU B 231 4.64 -11.80 0.57
CA LEU B 231 3.58 -11.70 1.58
C LEU B 231 3.22 -13.06 2.20
N PHE B 232 3.30 -14.12 1.41
CA PHE B 232 3.11 -15.48 1.96
C PHE B 232 4.21 -15.76 3.00
N SER B 233 5.45 -15.30 2.74
CA SER B 233 6.53 -15.50 3.69
C SER B 233 6.30 -14.71 4.99
N VAL B 234 5.70 -13.52 4.87
CA VAL B 234 5.33 -12.73 6.07
C VAL B 234 4.28 -13.50 6.90
N LEU B 235 3.26 -14.03 6.24
CA LEU B 235 2.23 -14.83 6.94
C LEU B 235 2.87 -16.00 7.71
N GLU B 236 3.80 -16.67 7.05
CA GLU B 236 4.53 -17.76 7.70
C GLU B 236 5.36 -17.27 8.91
N SER B 237 6.06 -16.15 8.73
CA SER B 237 6.91 -15.58 9.78
C SER B 237 6.14 -15.20 11.03
N VAL B 238 4.89 -14.77 10.89
CA VAL B 238 4.08 -14.45 12.07
C VAL B 238 3.32 -15.67 12.60
N GLY B 239 3.51 -16.84 12.00
CA GLY B 239 2.85 -18.07 12.47
C GLY B 239 1.38 -18.23 12.12
N TYR B 240 0.95 -17.59 11.02
CA TYR B 240 -0.43 -17.77 10.57
C TYR B 240 -0.63 -19.19 10.06
N ARG B 241 -1.64 -19.87 10.58
CA ARG B 241 -1.97 -21.23 10.17
C ARG B 241 -3.42 -21.43 9.78
N GLY B 242 -4.09 -20.34 9.41
CA GLY B 242 -5.41 -20.41 8.80
C GLY B 242 -5.29 -20.66 7.31
N TRP B 243 -6.34 -20.31 6.57
CA TRP B 243 -6.37 -20.49 5.13
C TRP B 243 -6.19 -19.15 4.46
N VAL B 244 -5.79 -19.23 3.19
CA VAL B 244 -5.72 -18.05 2.31
C VAL B 244 -6.71 -18.23 1.16
N GLY B 245 -7.77 -17.43 1.17
CA GLY B 245 -8.83 -17.54 0.17
C GLY B 245 -8.49 -16.78 -1.10
N CYS B 246 -8.70 -17.44 -2.23
CA CYS B 246 -8.36 -16.90 -3.57
C CYS B 246 -9.58 -16.19 -4.18
N GLU B 247 -9.88 -15.00 -3.64
CA GLU B 247 -11.05 -14.25 -4.07
C GLU B 247 -10.62 -13.26 -5.17
N TYR B 248 -10.31 -13.80 -6.34
CA TYR B 248 -9.93 -13.03 -7.49
C TYR B 248 -10.78 -13.47 -8.69
N ASN B 249 -10.87 -12.57 -9.65
CA ASN B 249 -11.51 -12.84 -10.93
C ASN B 249 -10.41 -13.29 -11.89
N PRO B 250 -10.44 -14.56 -12.34
CA PRO B 250 -9.42 -14.96 -13.30
C PRO B 250 -9.32 -14.08 -14.54
N ARG B 251 -8.09 -13.83 -15.00
CA ARG B 251 -7.82 -13.04 -16.22
C ARG B 251 -8.57 -13.62 -17.40
N GLY B 252 -8.59 -14.95 -17.46
CA GLY B 252 -9.27 -15.68 -18.53
C GLY B 252 -9.81 -16.98 -17.97
N LYS B 253 -9.49 -18.11 -18.61
CA LYS B 253 -9.92 -19.40 -18.07
C LYS B 253 -9.28 -19.63 -16.69
N THR B 254 -10.08 -20.00 -15.70
CA THR B 254 -9.58 -20.24 -14.34
C THR B 254 -8.33 -21.12 -14.33
N GLU B 255 -8.39 -22.30 -14.95
CA GLU B 255 -7.26 -23.24 -14.87
C GLU B 255 -6.01 -22.71 -15.57
N SER B 256 -6.21 -21.91 -16.61
CA SER B 256 -5.09 -21.38 -17.38
C SER B 256 -4.26 -20.40 -16.56
N GLY B 257 -4.84 -19.89 -15.47
CA GLY B 257 -4.14 -18.97 -14.59
C GLY B 257 -3.48 -19.57 -13.36
N LEU B 258 -3.51 -20.88 -13.19
CA LEU B 258 -3.04 -21.49 -11.95
C LEU B 258 -1.53 -21.83 -11.85
N ALA B 259 -0.69 -21.29 -12.74
CA ALA B 259 0.75 -21.49 -12.59
C ALA B 259 1.27 -21.02 -11.23
N TRP B 260 0.67 -19.93 -10.71
CA TRP B 260 1.13 -19.35 -9.43
C TRP B 260 0.97 -20.35 -8.30
N PHE B 261 -0.03 -21.23 -8.45
CA PHE B 261 -0.45 -22.19 -7.43
C PHE B 261 0.31 -23.51 -7.52
N ALA B 262 1.00 -23.77 -8.63
CA ALA B 262 1.70 -25.04 -8.84
C ALA B 262 2.58 -25.48 -7.66
N PRO B 263 3.38 -24.55 -7.08
CA PRO B 263 4.19 -24.96 -5.93
C PRO B 263 3.40 -25.40 -4.68
N TYR B 264 2.15 -24.96 -4.56
CA TYR B 264 1.36 -25.16 -3.35
C TYR B 264 0.31 -26.27 -3.42
N ARG B 265 0.17 -26.95 -4.57
CA ARG B 265 -0.89 -27.97 -4.81
C ARG B 265 -1.08 -29.05 -3.72
N ASP B 266 -2.26 -29.67 -3.71
CA ASP B 266 -2.64 -30.75 -2.75
C ASP B 266 -3.21 -30.20 -1.42
MN MN C . 13.01 10.00 -0.73
C1 GOL D . 25.28 14.55 1.23
O1 GOL D . 24.05 14.22 1.81
C2 GOL D . 26.14 13.37 0.84
O2 GOL D . 25.67 12.20 1.47
C3 GOL D . 27.60 13.68 1.17
O3 GOL D . 27.89 13.33 2.50
C1 GOL E . 38.55 10.80 -10.28
O1 GOL E . 37.16 10.94 -10.04
C2 GOL E . 38.99 9.35 -10.39
O2 GOL E . 39.25 8.88 -9.08
C3 GOL E . 40.25 9.21 -11.23
O3 GOL E . 40.23 8.04 -12.01
C1 GOL F . 3.62 4.55 9.48
O1 GOL F . 3.85 4.96 10.81
C2 GOL F . 2.20 4.01 9.27
O2 GOL F . 2.09 3.49 7.98
C3 GOL F . 1.13 5.08 9.37
O3 GOL F . -0.07 4.51 8.91
MN MN G . -12.84 -10.39 0.41
C1 GOL H . -23.49 -19.02 -5.34
O1 GOL H . -24.41 -18.86 -6.38
C2 GOL H . -22.83 -17.67 -5.15
O2 GOL H . -21.54 -17.61 -5.69
C3 GOL H . -22.75 -17.35 -3.69
O3 GOL H . -22.31 -16.03 -3.58
C1 GOL I . -18.37 4.78 5.89
O1 GOL I . -18.36 3.75 6.83
C2 GOL I . -19.78 5.29 5.73
O2 GOL I . -19.73 6.21 4.65
C3 GOL I . -20.25 5.92 7.05
O3 GOL I . -20.87 5.02 7.97
C1 GOL J . -8.86 5.90 -1.10
O1 GOL J . -7.55 5.96 -0.61
C2 GOL J . -9.02 4.68 -2.01
O2 GOL J . -7.80 4.34 -2.62
C3 GOL J . -10.08 4.96 -3.08
O3 GOL J . -10.89 3.82 -3.21
#